data_4JX7
#
_entry.id   4JX7
#
_cell.length_a   97.657
_cell.length_b   97.657
_cell.length_c   81.106
_cell.angle_alpha   90.00
_cell.angle_beta   90.00
_cell.angle_gamma   120.00
#
_symmetry.space_group_name_H-M   'P 65'
#
loop_
_entity.id
_entity.type
_entity.pdbx_description
1 polymer 'Serine/threonine-protein kinase pim-1'
2 polymer 'PIM1 consensus peptide'
3 non-polymer 2-[(trans-4-aminocyclohexyl)amino]-4-{[3-(trifluoromethyl)phenyl]amino}pyrido[4,3-d]pyrimidin-5(6H)-one
4 water water
#
loop_
_entity_poly.entity_id
_entity_poly.type
_entity_poly.pdbx_seq_one_letter_code
_entity_poly.pdbx_strand_id
1 'polypeptide(L)'
;MLLSKINSLAHLRAAPCNDLHATKLAPGKEKEPLESQYQVGPLLGSGGFGSVYSGIRVSDNLPVAIKHVEKDRISDWGEL
PNGTRVPMEVVLLKKVSSGFSGVIRLLDWFERPDSFVLILERPEPVQDLFDFITERGALQEELARSFFWQVLEAVRHCHN
CGVLHRDIKDENILIDLNRGELKLIDFGSGALLKDTVYTDFDGTRVYSPPEWIRYHRYHGRSAAVWSLGILLYDMVCGDI
PFEHDEEIIRGQVFFRQRVSSECQHLIRWCLALRPSDRPTFEEIQNHPWMQDVLLPQETAEIHLHSLSPGPSKAAALEHH
HHHHHH
;
A
2 'polypeptide(L)' ARKRRRHPSGPPTA B
#
# COMPACT_ATOMS: atom_id res chain seq x y z
N PRO A 33 -17.61 -13.92 -20.63
CA PRO A 33 -18.61 -12.86 -20.48
C PRO A 33 -18.69 -12.34 -19.02
N LEU A 34 -18.16 -11.13 -18.81
CA LEU A 34 -18.03 -10.52 -17.49
C LEU A 34 -19.32 -10.51 -16.66
N GLU A 35 -20.42 -10.08 -17.27
CA GLU A 35 -21.68 -9.87 -16.57
C GLU A 35 -22.28 -11.15 -15.99
N SER A 36 -22.13 -12.26 -16.70
CA SER A 36 -22.77 -13.51 -16.27
C SER A 36 -22.04 -14.18 -15.10
N GLN A 37 -20.71 -14.10 -15.08
CA GLN A 37 -19.93 -14.80 -14.04
C GLN A 37 -19.71 -14.02 -12.73
N TYR A 38 -20.08 -12.74 -12.71
CA TYR A 38 -20.01 -11.94 -11.47
C TYR A 38 -21.31 -11.22 -11.17
N GLN A 39 -21.64 -11.15 -9.89
CA GLN A 39 -22.75 -10.34 -9.42
C GLN A 39 -22.24 -9.09 -8.68
N VAL A 40 -22.55 -7.92 -9.23
CA VAL A 40 -22.13 -6.63 -8.69
C VAL A 40 -22.93 -6.31 -7.42
N GLY A 41 -22.24 -5.78 -6.41
CA GLY A 41 -22.89 -5.23 -5.22
C GLY A 41 -22.63 -3.73 -5.22
N PRO A 42 -22.68 -3.11 -4.04
CA PRO A 42 -22.56 -1.65 -3.97
C PRO A 42 -21.15 -1.13 -4.22
N LEU A 43 -21.08 0.11 -4.71
CA LEU A 43 -19.86 0.86 -4.85
C LEU A 43 -19.13 0.90 -3.52
N LEU A 44 -17.86 0.50 -3.51
CA LEU A 44 -17.01 0.62 -2.30
C LEU A 44 -16.34 2.01 -2.24
N GLY A 45 -15.83 2.49 -3.36
CA GLY A 45 -15.29 3.86 -3.41
C GLY A 45 -14.89 4.22 -4.81
N SER A 46 -14.40 5.44 -4.98
CA SER A 46 -13.96 5.87 -6.29
C SER A 46 -12.90 6.94 -6.08
N GLY A 47 -12.13 7.26 -7.11
CA GLY A 47 -11.11 8.29 -6.94
C GLY A 47 -10.12 8.19 -8.07
N GLY A 48 -8.87 8.56 -7.80
CA GLY A 48 -7.76 8.45 -8.77
C GLY A 48 -7.63 7.08 -9.43
N PHE A 49 -7.94 6.02 -8.69
CA PHE A 49 -7.90 4.63 -9.19
C PHE A 49 -9.11 4.20 -10.06
N GLY A 50 -10.16 5.03 -10.13
CA GLY A 50 -11.42 4.64 -10.80
C GLY A 50 -12.50 4.28 -9.79
N SER A 51 -13.27 3.23 -10.06
CA SER A 51 -14.37 2.84 -9.17
C SER A 51 -14.30 1.38 -8.79
N VAL A 52 -14.53 1.07 -7.51
CA VAL A 52 -14.41 -0.30 -7.00
C VAL A 52 -15.71 -0.74 -6.37
N TYR A 53 -16.22 -1.89 -6.81
CA TYR A 53 -17.48 -2.45 -6.34
C TYR A 53 -17.24 -3.72 -5.57
N SER A 54 -18.08 -3.96 -4.58
CA SER A 54 -18.11 -5.27 -3.93
C SER A 54 -18.77 -6.15 -4.94
N GLY A 55 -18.43 -7.42 -4.94
CA GLY A 55 -18.96 -8.35 -5.92
C GLY A 55 -18.92 -9.76 -5.40
N ILE A 56 -19.43 -10.68 -6.21
CA ILE A 56 -19.45 -12.09 -5.88
C ILE A 56 -19.31 -12.91 -7.15
N ARG A 57 -18.40 -13.88 -7.11
CA ARG A 57 -18.23 -14.81 -8.23
C ARG A 57 -19.38 -15.81 -8.20
N VAL A 58 -20.25 -15.75 -9.22
CA VAL A 58 -21.53 -16.48 -9.23
C VAL A 58 -21.34 -17.98 -9.07
N SER A 59 -20.29 -18.52 -9.69
CA SER A 59 -19.99 -19.94 -9.68
C SER A 59 -19.75 -20.55 -8.31
N ASP A 60 -19.04 -19.85 -7.42
CA ASP A 60 -18.73 -20.42 -6.09
C ASP A 60 -18.93 -19.47 -4.92
N ASN A 61 -19.62 -18.36 -5.16
CA ASN A 61 -19.85 -17.31 -4.16
C ASN A 61 -18.61 -16.67 -3.51
N LEU A 62 -17.46 -16.77 -4.17
CA LEU A 62 -16.23 -16.14 -3.69
C LEU A 62 -16.42 -14.63 -3.64
N PRO A 63 -16.26 -14.03 -2.45
CA PRO A 63 -16.31 -12.57 -2.39
C PRO A 63 -15.20 -11.96 -3.25
N VAL A 64 -15.55 -11.00 -4.09
CA VAL A 64 -14.58 -10.32 -4.94
C VAL A 64 -14.76 -8.80 -4.93
N ALA A 65 -13.74 -8.09 -5.42
CA ALA A 65 -13.87 -6.66 -5.66
C ALA A 65 -13.68 -6.42 -7.15
N ILE A 66 -14.49 -5.51 -7.69
CA ILE A 66 -14.54 -5.28 -9.13
C ILE A 66 -14.20 -3.82 -9.38
N LYS A 67 -13.09 -3.61 -10.08
CA LYS A 67 -12.52 -2.30 -10.25
C LYS A 67 -12.55 -1.90 -11.73
N HIS A 68 -13.11 -0.73 -11.99
CA HIS A 68 -13.24 -0.21 -13.32
C HIS A 68 -12.30 0.93 -13.49
N VAL A 69 -11.52 0.85 -14.57
CA VAL A 69 -10.52 1.87 -14.89
C VAL A 69 -10.81 2.37 -16.29
N GLU A 70 -10.98 3.69 -16.45
CA GLU A 70 -11.20 4.29 -17.77
C GLU A 70 -9.89 4.39 -18.56
N LYS A 71 -9.98 4.04 -19.85
CA LYS A 71 -8.80 4.02 -20.74
C LYS A 71 -8.15 5.38 -20.88
N ASP A 72 -8.95 6.43 -21.01
CA ASP A 72 -8.43 7.79 -21.10
C ASP A 72 -7.69 8.20 -19.85
N ARG A 73 -8.08 7.61 -18.71
CA ARG A 73 -7.47 7.96 -17.44
C ARG A 73 -6.22 7.16 -17.11
N ILE A 74 -5.87 6.17 -17.95
CA ILE A 74 -4.64 5.40 -17.76
C ILE A 74 -3.46 6.09 -18.43
N SER A 75 -2.49 6.49 -17.62
CA SER A 75 -1.28 7.14 -18.12
C SER A 75 -0.26 6.11 -18.61
N ASP A 76 -0.11 5.03 -17.84
CA ASP A 76 0.95 4.03 -18.04
C ASP A 76 0.44 2.67 -18.47
N TRP A 77 0.90 2.24 -19.65
CA TRP A 77 0.51 0.95 -20.22
C TRP A 77 1.66 0.00 -20.25
N GLY A 78 1.35 -1.29 -20.24
CA GLY A 78 2.36 -2.34 -20.40
C GLY A 78 1.88 -3.34 -21.43
N GLU A 79 2.46 -4.53 -21.41
CA GLU A 79 2.00 -5.60 -22.29
C GLU A 79 2.33 -6.93 -21.66
N LEU A 80 1.52 -7.93 -22.00
CA LEU A 80 1.61 -9.25 -21.40
C LEU A 80 2.61 -10.16 -22.14
N PRO A 81 2.83 -11.40 -21.63
CA PRO A 81 3.51 -12.44 -22.40
C PRO A 81 3.10 -12.44 -23.88
N ASN A 82 1.79 -12.59 -24.13
CA ASN A 82 1.23 -12.57 -25.49
C ASN A 82 1.42 -11.26 -26.25
N GLY A 83 1.62 -10.15 -25.53
CA GLY A 83 1.97 -8.88 -26.18
C GLY A 83 0.91 -7.79 -26.33
N THR A 84 -0.35 -8.09 -26.01
CA THR A 84 -1.43 -7.06 -26.10
C THR A 84 -1.34 -6.00 -24.98
N ARG A 85 -1.76 -4.77 -25.30
CA ARG A 85 -1.61 -3.63 -24.40
C ARG A 85 -2.65 -3.54 -23.27
N VAL A 86 -2.18 -3.69 -22.03
CA VAL A 86 -3.03 -3.63 -20.83
C VAL A 86 -2.55 -2.51 -19.90
N PRO A 87 -3.35 -2.15 -18.87
CA PRO A 87 -2.83 -1.26 -17.83
C PRO A 87 -1.63 -1.85 -17.10
N MET A 88 -0.63 -1.02 -16.84
CA MET A 88 0.56 -1.43 -16.08
C MET A 88 0.17 -2.20 -14.83
N GLU A 89 -0.90 -1.74 -14.18
CA GLU A 89 -1.44 -2.39 -13.01
C GLU A 89 -1.65 -3.90 -13.18
N VAL A 90 -2.20 -4.30 -14.32
CA VAL A 90 -2.40 -5.71 -14.65
C VAL A 90 -1.05 -6.45 -14.74
N VAL A 91 -0.09 -5.89 -15.50
CA VAL A 91 1.25 -6.49 -15.55
C VAL A 91 1.81 -6.70 -14.15
N LEU A 92 1.81 -5.62 -13.36
CA LEU A 92 2.37 -5.64 -11.99
C LEU A 92 1.70 -6.67 -11.10
N LEU A 93 0.37 -6.71 -11.12
CA LEU A 93 -0.37 -7.66 -10.27
C LEU A 93 -0.11 -9.11 -10.68
N LYS A 94 0.03 -9.36 -12.00
CA LYS A 94 0.40 -10.70 -12.48
C LYS A 94 1.79 -11.12 -11.98
N LYS A 95 2.72 -10.17 -11.94
CA LYS A 95 4.07 -10.50 -11.47
C LYS A 95 4.12 -10.80 -9.96
N VAL A 96 3.19 -10.26 -9.18
CA VAL A 96 3.17 -10.55 -7.74
C VAL A 96 2.13 -11.56 -7.28
N SER A 97 1.33 -12.08 -8.21
CA SER A 97 0.13 -12.86 -7.83
C SER A 97 0.35 -14.33 -7.47
N SER A 98 1.38 -14.95 -8.01
CA SER A 98 1.59 -16.38 -7.74
C SER A 98 2.13 -16.57 -6.34
N GLY A 99 1.71 -17.67 -5.72
CA GLY A 99 1.96 -17.90 -4.30
C GLY A 99 0.98 -17.12 -3.45
N PHE A 100 1.29 -17.06 -2.16
CA PHE A 100 0.47 -16.36 -1.17
C PHE A 100 1.11 -15.03 -0.82
N SER A 101 0.31 -14.10 -0.29
CA SER A 101 0.87 -12.83 0.11
C SER A 101 0.02 -11.86 0.92
N GLY A 102 0.70 -10.85 1.44
CA GLY A 102 0.09 -9.62 1.86
C GLY A 102 -0.09 -8.69 0.68
N VAL A 103 -0.28 -9.24 -0.53
CA VAL A 103 -0.65 -8.47 -1.71
C VAL A 103 -2.00 -8.97 -2.21
N ILE A 104 -2.97 -8.08 -2.45
CA ILE A 104 -4.27 -8.50 -2.98
C ILE A 104 -4.08 -9.15 -4.36
N ARG A 105 -4.72 -10.30 -4.56
CA ARG A 105 -4.57 -11.07 -5.80
C ARG A 105 -5.51 -10.65 -6.95
N LEU A 106 -4.96 -10.59 -8.15
CA LEU A 106 -5.73 -10.41 -9.36
C LEU A 106 -6.31 -11.75 -9.82
N LEU A 107 -7.63 -11.91 -9.80
CA LEU A 107 -8.25 -13.19 -10.13
C LEU A 107 -8.50 -13.29 -11.62
N ASP A 108 -8.73 -12.15 -12.25
CA ASP A 108 -9.10 -12.08 -13.67
C ASP A 108 -9.23 -10.64 -14.07
N TRP A 109 -9.22 -10.38 -15.37
CA TRP A 109 -9.49 -9.05 -15.89
C TRP A 109 -10.19 -9.15 -17.23
N PHE A 110 -10.86 -8.06 -17.62
CA PHE A 110 -11.58 -7.96 -18.88
C PHE A 110 -11.34 -6.60 -19.51
N GLU A 111 -11.32 -6.56 -20.84
CA GLU A 111 -11.27 -5.30 -21.56
C GLU A 111 -12.66 -4.95 -22.09
N ARG A 112 -13.01 -3.68 -22.00
CA ARG A 112 -14.24 -3.20 -22.56
C ARG A 112 -13.90 -2.13 -23.56
N PRO A 113 -14.89 -1.68 -24.34
CA PRO A 113 -14.65 -0.60 -25.30
C PRO A 113 -13.84 0.56 -24.71
N ASP A 114 -14.24 1.10 -23.55
CA ASP A 114 -13.60 2.31 -23.02
C ASP A 114 -12.98 2.17 -21.63
N SER A 115 -13.01 0.95 -21.11
CA SER A 115 -12.44 0.71 -19.79
C SER A 115 -11.87 -0.71 -19.65
N PHE A 116 -11.04 -0.89 -18.63
CA PHE A 116 -10.66 -2.22 -18.18
C PHE A 116 -11.34 -2.53 -16.86
N VAL A 117 -11.66 -3.81 -16.67
CA VAL A 117 -12.30 -4.25 -15.46
C VAL A 117 -11.42 -5.32 -14.81
N LEU A 118 -11.06 -5.10 -13.55
CA LEU A 118 -10.19 -6.00 -12.82
C LEU A 118 -10.99 -6.70 -11.75
N ILE A 119 -10.88 -8.02 -11.68
CA ILE A 119 -11.49 -8.80 -10.60
C ILE A 119 -10.38 -9.12 -9.60
N LEU A 120 -10.63 -8.78 -8.34
CA LEU A 120 -9.61 -8.93 -7.31
C LEU A 120 -10.18 -9.65 -6.14
N GLU A 121 -9.31 -10.34 -5.43
CA GLU A 121 -9.65 -10.96 -4.16
C GLU A 121 -10.31 -9.94 -3.20
N ARG A 122 -11.29 -10.39 -2.42
CA ARG A 122 -11.86 -9.53 -1.37
C ARG A 122 -12.04 -10.27 -0.04
N PRO A 123 -11.27 -9.86 1.00
CA PRO A 123 -11.38 -10.45 2.33
C PRO A 123 -12.68 -10.00 2.97
N GLU A 124 -13.18 -10.80 3.89
CA GLU A 124 -14.46 -10.55 4.52
C GLU A 124 -14.39 -11.16 5.90
N PRO A 125 -14.67 -10.37 6.95
CA PRO A 125 -14.83 -8.91 6.97
C PRO A 125 -13.48 -8.18 6.80
N VAL A 126 -13.52 -6.94 6.33
CA VAL A 126 -12.33 -6.18 5.99
C VAL A 126 -12.51 -4.70 6.29
N GLN A 127 -11.46 -4.03 6.74
CA GLN A 127 -11.47 -2.56 6.84
C GLN A 127 -10.11 -2.02 6.39
N ASP A 128 -10.10 -0.91 5.64
CA ASP A 128 -8.84 -0.30 5.26
C ASP A 128 -8.15 0.36 6.47
N LEU A 129 -6.83 0.44 6.42
CA LEU A 129 -6.08 0.96 7.54
C LEU A 129 -6.38 2.44 7.83
N PHE A 130 -6.69 3.21 6.79
CA PHE A 130 -7.07 4.61 6.98
C PHE A 130 -8.29 4.76 7.91
N ASP A 131 -9.38 4.07 7.59
CA ASP A 131 -10.57 4.10 8.42
C ASP A 131 -10.33 3.52 9.80
N PHE A 132 -9.50 2.48 9.86
CA PHE A 132 -9.18 1.85 11.12
C PHE A 132 -8.51 2.86 12.04
N ILE A 133 -7.60 3.65 11.47
CA ILE A 133 -6.88 4.66 12.25
C ILE A 133 -7.81 5.81 12.61
N THR A 134 -8.66 6.23 11.66
CA THR A 134 -9.68 7.24 11.95
C THR A 134 -10.49 6.85 13.17
N GLU A 135 -10.90 5.58 13.23
CA GLU A 135 -11.78 5.11 14.29
C GLU A 135 -11.07 4.93 15.61
N ARG A 136 -9.87 4.37 15.56
CA ARG A 136 -9.24 3.98 16.80
C ARG A 136 -8.14 4.92 17.26
N GLY A 137 -7.80 5.89 16.42
CA GLY A 137 -6.75 6.87 16.75
C GLY A 137 -5.34 6.26 16.62
N ALA A 138 -4.37 6.83 17.34
CA ALA A 138 -3.02 6.27 17.36
C ALA A 138 -3.05 4.81 17.85
N LEU A 139 -2.28 3.95 17.21
CA LEU A 139 -2.28 2.54 17.52
C LEU A 139 -1.26 2.24 18.59
N GLN A 140 -1.58 1.29 19.46
CA GLN A 140 -0.58 0.75 20.37
C GLN A 140 0.64 0.24 19.59
N GLU A 141 1.82 0.37 20.18
CA GLU A 141 3.05 0.04 19.47
C GLU A 141 3.07 -1.40 19.02
N GLU A 142 2.54 -2.28 19.88
CA GLU A 142 2.47 -3.71 19.62
C GLU A 142 1.64 -4.01 18.37
N LEU A 143 0.50 -3.34 18.24
CA LEU A 143 -0.33 -3.50 17.08
C LEU A 143 0.33 -2.88 15.83
N ALA A 144 0.93 -1.71 15.99
CA ALA A 144 1.60 -1.01 14.90
C ALA A 144 2.79 -1.85 14.39
N ARG A 145 3.49 -2.51 15.32
CA ARG A 145 4.64 -3.38 15.00
C ARG A 145 4.20 -4.54 14.11
N SER A 146 3.13 -5.24 14.51
CA SER A 146 2.62 -6.38 13.75
C SER A 146 2.20 -5.95 12.35
N PHE A 147 1.46 -4.85 12.28
CA PHE A 147 0.97 -4.28 11.01
C PHE A 147 2.14 -3.84 10.10
N PHE A 148 3.04 -3.05 10.65
CA PHE A 148 4.20 -2.56 9.93
C PHE A 148 5.09 -3.70 9.40
N TRP A 149 5.33 -4.71 10.24
CA TRP A 149 6.03 -5.94 9.82
C TRP A 149 5.39 -6.60 8.60
N GLN A 150 4.07 -6.76 8.62
CA GLN A 150 3.37 -7.35 7.48
C GLN A 150 3.49 -6.50 6.21
N VAL A 151 3.40 -5.18 6.37
CA VAL A 151 3.62 -4.27 5.23
C VAL A 151 5.02 -4.50 4.65
N LEU A 152 6.02 -4.58 5.54
CA LEU A 152 7.38 -4.83 5.11
C LEU A 152 7.54 -6.15 4.36
N GLU A 153 6.97 -7.23 4.88
CA GLU A 153 7.00 -8.50 4.17
C GLU A 153 6.36 -8.40 2.80
N ALA A 154 5.29 -7.61 2.69
CA ALA A 154 4.54 -7.49 1.42
C ALA A 154 5.32 -6.67 0.41
N VAL A 155 6.01 -5.64 0.89
CA VAL A 155 6.82 -4.79 0.02
C VAL A 155 8.06 -5.54 -0.48
N ARG A 156 8.71 -6.33 0.40
CA ARG A 156 9.85 -7.18 0.00
C ARG A 156 9.40 -8.14 -1.07
N HIS A 157 8.24 -8.76 -0.85
CA HIS A 157 7.63 -9.64 -1.84
C HIS A 157 7.50 -8.99 -3.21
N CYS A 158 6.89 -7.79 -3.25
CA CYS A 158 6.78 -7.01 -4.50
C CYS A 158 8.14 -6.79 -5.19
N HIS A 159 9.10 -6.27 -4.41
CA HIS A 159 10.45 -5.98 -4.88
C HIS A 159 11.13 -7.21 -5.41
N ASN A 160 10.98 -8.31 -4.68
CA ASN A 160 11.46 -9.61 -5.10
C ASN A 160 10.84 -10.07 -6.44
N CYS A 161 9.61 -9.61 -6.74
CA CYS A 161 8.94 -9.94 -7.99
C CYS A 161 9.20 -8.88 -9.07
N GLY A 162 10.06 -7.91 -8.77
CA GLY A 162 10.42 -6.87 -9.76
C GLY A 162 9.38 -5.75 -9.91
N VAL A 163 8.54 -5.61 -8.87
CA VAL A 163 7.47 -4.61 -8.84
C VAL A 163 7.71 -3.54 -7.76
N LEU A 164 7.68 -2.28 -8.18
CA LEU A 164 7.74 -1.15 -7.23
C LEU A 164 6.32 -0.56 -7.01
N HIS A 165 5.79 -0.59 -5.78
CA HIS A 165 4.41 -0.07 -5.54
C HIS A 165 4.22 1.44 -5.75
N ARG A 166 5.11 2.25 -5.20
CA ARG A 166 5.11 3.72 -5.37
C ARG A 166 3.93 4.49 -4.75
N ASP A 167 3.04 3.79 -4.08
CA ASP A 167 1.97 4.49 -3.39
C ASP A 167 1.61 3.86 -2.04
N ILE A 168 2.62 3.42 -1.29
CA ILE A 168 2.38 2.79 0.01
C ILE A 168 1.81 3.83 0.97
N LYS A 169 0.66 3.52 1.58
CA LYS A 169 -0.01 4.40 2.54
C LYS A 169 -1.19 3.66 3.16
N ASP A 170 -1.71 4.18 4.28
CA ASP A 170 -2.80 3.52 5.03
C ASP A 170 -4.04 3.28 4.18
N GLU A 171 -4.35 4.22 3.27
CA GLU A 171 -5.48 4.07 2.33
C GLU A 171 -5.27 2.91 1.37
N ASN A 172 -4.02 2.51 1.13
CA ASN A 172 -3.75 1.43 0.20
C ASN A 172 -3.50 0.10 0.85
N ILE A 173 -3.94 -0.04 2.11
CA ILE A 173 -3.76 -1.29 2.89
C ILE A 173 -5.08 -1.78 3.47
N LEU A 174 -5.35 -3.08 3.31
CA LEU A 174 -6.59 -3.68 3.83
C LEU A 174 -6.29 -4.58 4.99
N ILE A 175 -7.18 -4.55 5.98
CA ILE A 175 -7.09 -5.42 7.15
C ILE A 175 -8.18 -6.48 7.10
N ASP A 176 -7.76 -7.73 7.02
CA ASP A 176 -8.62 -8.88 7.22
C ASP A 176 -8.86 -8.95 8.73
N LEU A 177 -10.02 -8.50 9.18
CA LEU A 177 -10.29 -8.38 10.61
C LEU A 177 -10.32 -9.72 11.37
N ASN A 178 -10.64 -10.82 10.69
CA ASN A 178 -10.66 -12.13 11.35
C ASN A 178 -9.29 -12.77 11.51
N ARG A 179 -8.46 -12.69 10.48
CA ARG A 179 -7.13 -13.29 10.52
C ARG A 179 -6.03 -12.29 10.93
N GLY A 180 -6.35 -11.00 10.89
CA GLY A 180 -5.38 -9.97 11.29
C GLY A 180 -4.24 -9.80 10.29
N GLU A 181 -4.55 -10.08 9.03
CA GLU A 181 -3.62 -10.06 7.91
C GLU A 181 -3.83 -8.78 7.13
N LEU A 182 -2.72 -8.13 6.78
CA LEU A 182 -2.78 -6.93 5.97
C LEU A 182 -2.57 -7.30 4.52
N LYS A 183 -3.22 -6.56 3.62
CA LYS A 183 -3.04 -6.75 2.18
C LYS A 183 -2.84 -5.41 1.46
N LEU A 184 -1.87 -5.38 0.55
CA LEU A 184 -1.55 -4.19 -0.19
C LEU A 184 -2.48 -4.09 -1.39
N ILE A 185 -3.05 -2.93 -1.64
CA ILE A 185 -3.91 -2.74 -2.80
C ILE A 185 -3.44 -1.55 -3.59
N ASP A 186 -4.02 -1.41 -4.78
CA ASP A 186 -3.82 -0.30 -5.69
C ASP A 186 -2.40 -0.15 -6.24
N PHE A 187 -2.13 -0.94 -7.27
CA PHE A 187 -0.86 -0.88 -7.96
C PHE A 187 -0.86 0.06 -9.16
N GLY A 188 -1.92 0.87 -9.26
CA GLY A 188 -2.14 1.71 -10.42
C GLY A 188 -1.15 2.84 -10.61
N SER A 189 -0.35 3.14 -9.59
CA SER A 189 0.74 4.13 -9.71
C SER A 189 2.09 3.44 -9.73
N GLY A 190 2.08 2.10 -9.78
CA GLY A 190 3.31 1.34 -9.64
C GLY A 190 4.18 1.32 -10.89
N ALA A 191 5.34 0.68 -10.78
CA ALA A 191 6.21 0.47 -11.94
C ALA A 191 7.03 -0.80 -11.79
N LEU A 192 7.65 -1.21 -12.89
CA LEU A 192 8.64 -2.27 -12.82
C LEU A 192 9.75 -1.71 -11.95
N LEU A 193 10.31 -2.53 -11.08
CA LEU A 193 11.42 -2.10 -10.26
C LEU A 193 12.68 -1.99 -11.11
N LYS A 194 13.42 -0.90 -10.96
CA LYS A 194 14.71 -0.77 -11.63
C LYS A 194 15.73 -0.15 -10.67
N ASP A 195 17.01 -0.19 -11.07
CA ASP A 195 18.10 0.32 -10.25
C ASP A 195 18.52 1.72 -10.60
N THR A 196 17.96 2.26 -11.68
CA THR A 196 18.27 3.61 -12.12
C THR A 196 17.22 4.60 -11.61
N VAL A 197 17.40 5.89 -11.91
CA VAL A 197 16.57 6.93 -11.33
C VAL A 197 15.17 6.95 -11.97
N TYR A 198 14.13 7.25 -11.18
CA TYR A 198 12.80 7.55 -11.76
C TYR A 198 12.63 9.06 -11.82
N THR A 199 11.98 9.55 -12.87
CA THR A 199 11.78 10.99 -13.02
C THR A 199 10.30 11.29 -13.21
N ASP A 200 9.47 10.29 -12.97
CA ASP A 200 8.01 10.42 -13.00
C ASP A 200 7.42 9.84 -11.71
N PHE A 201 6.32 10.43 -11.25
CA PHE A 201 5.66 9.98 -10.04
C PHE A 201 4.23 10.44 -10.06
N ASP A 202 3.32 9.55 -9.72
CA ASP A 202 1.93 9.91 -9.63
C ASP A 202 1.23 9.29 -8.41
N GLY A 203 2.01 8.98 -7.37
CA GLY A 203 1.42 8.52 -6.11
C GLY A 203 1.00 9.70 -5.25
N THR A 204 1.04 9.54 -3.94
CA THR A 204 0.55 10.55 -3.02
C THR A 204 1.69 11.45 -2.59
N ARG A 205 1.53 12.76 -2.81
CA ARG A 205 2.57 13.74 -2.56
C ARG A 205 3.10 13.72 -1.11
N VAL A 206 2.19 13.67 -0.13
CA VAL A 206 2.56 13.75 1.30
C VAL A 206 3.37 12.51 1.77
N TYR A 207 3.34 11.42 1.00
CA TYR A 207 4.16 10.24 1.27
C TYR A 207 5.45 10.20 0.45
N SER A 208 5.62 11.17 -0.45
CA SER A 208 6.76 11.21 -1.37
C SER A 208 7.99 11.87 -0.75
N PRO A 209 9.20 11.47 -1.18
CA PRO A 209 10.39 11.89 -0.47
C PRO A 209 10.89 13.27 -0.90
N PRO A 210 11.81 13.86 -0.12
CA PRO A 210 12.26 15.22 -0.41
C PRO A 210 12.95 15.33 -1.75
N GLU A 211 13.68 14.28 -2.15
CA GLU A 211 14.38 14.27 -3.46
C GLU A 211 13.38 14.33 -4.61
N TRP A 212 12.17 13.82 -4.41
CA TRP A 212 11.12 14.03 -5.41
C TRP A 212 10.69 15.48 -5.43
N ILE A 213 10.43 16.02 -4.23
CA ILE A 213 9.87 17.37 -4.10
C ILE A 213 10.84 18.38 -4.71
N ARG A 214 12.13 18.25 -4.39
CA ARG A 214 13.15 19.20 -4.85
C ARG A 214 13.60 18.99 -6.29
N TYR A 215 13.89 17.75 -6.70
CA TYR A 215 14.57 17.47 -7.96
C TYR A 215 13.76 16.69 -8.99
N HIS A 216 12.60 16.20 -8.59
CA HIS A 216 11.81 15.33 -9.46
C HIS A 216 12.57 14.08 -9.85
N ARG A 217 13.36 13.55 -8.92
CA ARG A 217 14.15 12.34 -9.13
C ARG A 217 14.14 11.52 -7.85
N TYR A 218 14.04 10.20 -7.98
CA TYR A 218 14.19 9.31 -6.82
C TYR A 218 14.60 7.93 -7.32
N HIS A 219 15.17 7.14 -6.41
CA HIS A 219 15.39 5.72 -6.62
C HIS A 219 14.31 4.95 -5.90
N GLY A 220 13.92 3.81 -6.46
CA GLY A 220 12.71 3.12 -6.00
C GLY A 220 12.72 2.74 -4.53
N ARG A 221 13.79 2.09 -4.11
CA ARG A 221 13.88 1.43 -2.80
C ARG A 221 13.93 2.42 -1.67
N SER A 222 14.78 3.44 -1.83
CA SER A 222 14.93 4.43 -0.79
C SER A 222 13.70 5.35 -0.70
N ALA A 223 13.04 5.63 -1.84
CA ALA A 223 11.76 6.31 -1.82
C ALA A 223 10.69 5.47 -1.11
N ALA A 224 10.72 4.15 -1.32
CA ALA A 224 9.75 3.26 -0.67
C ALA A 224 9.94 3.31 0.83
N VAL A 225 11.20 3.38 1.24
CA VAL A 225 11.57 3.40 2.64
C VAL A 225 11.08 4.70 3.30
N TRP A 226 11.24 5.83 2.63
CA TRP A 226 10.67 7.11 3.10
C TRP A 226 9.19 6.99 3.38
N SER A 227 8.43 6.47 2.42
CA SER A 227 6.97 6.37 2.56
C SER A 227 6.60 5.42 3.69
N LEU A 228 7.46 4.44 3.95
CA LEU A 228 7.28 3.51 5.07
C LEU A 228 7.46 4.23 6.41
N GLY A 229 8.41 5.14 6.47
CA GLY A 229 8.57 6.02 7.65
C GLY A 229 7.36 6.91 7.87
N ILE A 230 6.80 7.47 6.80
CA ILE A 230 5.55 8.24 6.90
C ILE A 230 4.44 7.35 7.43
N LEU A 231 4.36 6.13 6.86
CA LEU A 231 3.35 5.16 7.27
C LEU A 231 3.46 4.82 8.75
N LEU A 232 4.68 4.56 9.22
CA LEU A 232 4.88 4.18 10.61
C LEU A 232 4.50 5.36 11.57
N TYR A 233 4.89 6.59 11.21
CA TYR A 233 4.50 7.75 11.99
C TYR A 233 2.97 7.79 12.04
N ASP A 234 2.34 7.65 10.88
CA ASP A 234 0.89 7.64 10.78
C ASP A 234 0.22 6.62 11.75
N MET A 235 0.75 5.40 11.79
CA MET A 235 0.22 4.36 12.65
C MET A 235 0.36 4.73 14.14
N VAL A 236 1.53 5.19 14.57
CA VAL A 236 1.76 5.44 15.99
C VAL A 236 1.32 6.83 16.49
N CYS A 237 0.99 7.73 15.59
CA CYS A 237 0.55 9.07 15.99
C CYS A 237 -0.88 9.32 15.55
N GLY A 238 -1.44 8.46 14.71
CA GLY A 238 -2.80 8.67 14.20
C GLY A 238 -2.92 9.62 13.03
N ASP A 239 -1.81 10.24 12.60
CA ASP A 239 -1.82 11.07 11.41
C ASP A 239 -0.42 11.15 10.82
N ILE A 240 -0.35 11.55 9.56
CA ILE A 240 0.91 11.74 8.86
C ILE A 240 1.68 12.96 9.42
N PRO A 241 3.02 12.98 9.30
CA PRO A 241 3.73 14.08 9.95
C PRO A 241 3.80 15.36 9.12
N PHE A 242 3.75 15.22 7.80
CA PHE A 242 3.92 16.38 6.91
C PHE A 242 2.70 16.57 6.06
N GLU A 243 2.24 17.81 5.95
CA GLU A 243 1.23 18.15 4.95
C GLU A 243 1.84 19.00 3.85
N HIS A 244 2.93 19.70 4.13
CA HIS A 244 3.46 20.66 3.16
C HIS A 244 4.83 20.33 2.65
N ASP A 245 5.06 20.71 1.39
CA ASP A 245 6.38 20.64 0.76
C ASP A 245 7.53 21.09 1.67
N GLU A 246 7.33 22.21 2.34
CA GLU A 246 8.33 22.82 3.23
C GLU A 246 8.73 21.87 4.37
N GLU A 247 7.72 21.21 4.93
CA GLU A 247 7.92 20.28 6.03
C GLU A 247 8.66 19.03 5.56
N ILE A 248 8.26 18.51 4.41
CA ILE A 248 8.92 17.34 3.77
C ILE A 248 10.40 17.65 3.55
N ILE A 249 10.66 18.78 2.89
CA ILE A 249 12.01 19.22 2.58
C ILE A 249 12.84 19.37 3.87
N ARG A 250 12.23 19.94 4.90
CA ARG A 250 12.91 20.13 6.18
C ARG A 250 13.17 18.79 6.91
N GLY A 251 12.24 17.84 6.78
CA GLY A 251 12.37 16.52 7.39
C GLY A 251 12.56 16.46 8.90
N GLN A 252 12.11 17.50 9.61
CA GLN A 252 12.15 17.53 11.07
C GLN A 252 10.86 16.89 11.59
N VAL A 253 11.01 15.93 12.50
CA VAL A 253 9.89 15.11 12.92
C VAL A 253 9.55 15.43 14.37
N PHE A 254 8.35 15.91 14.61
CA PHE A 254 7.86 16.15 15.96
C PHE A 254 6.76 15.15 16.40
N PHE A 255 6.83 14.66 17.63
CA PHE A 255 5.83 13.71 18.13
C PHE A 255 4.82 14.32 19.05
N ARG A 256 3.55 14.07 18.73
CA ARG A 256 2.39 14.60 19.41
C ARG A 256 1.87 13.60 20.44
N GLN A 257 2.27 12.34 20.26
CA GLN A 257 1.83 11.24 21.11
C GLN A 257 3.02 10.66 21.83
N ARG A 258 2.78 10.06 22.99
CA ARG A 258 3.82 9.27 23.63
C ARG A 258 4.22 8.14 22.68
N VAL A 259 5.50 8.10 22.30
CA VAL A 259 6.05 7.04 21.43
C VAL A 259 7.46 6.68 21.93
N SER A 260 7.72 5.40 22.09
CA SER A 260 9.03 4.91 22.56
C SER A 260 10.19 5.44 21.73
N SER A 261 11.36 5.49 22.35
CA SER A 261 12.55 6.02 21.73
C SER A 261 13.02 5.19 20.57
N GLU A 262 12.84 3.89 20.69
CA GLU A 262 13.24 2.98 19.62
C GLU A 262 12.36 3.16 18.39
N CYS A 263 11.06 3.36 18.62
CA CYS A 263 10.14 3.63 17.53
C CYS A 263 10.43 4.98 16.86
N GLN A 264 10.65 6.01 17.67
CA GLN A 264 11.04 7.35 17.15
C GLN A 264 12.32 7.29 16.30
N HIS A 265 13.26 6.46 16.77
CA HIS A 265 14.54 6.32 16.10
C HIS A 265 14.34 5.66 14.75
N LEU A 266 13.61 4.55 14.73
CA LEU A 266 13.29 3.89 13.47
C LEU A 266 12.63 4.86 12.48
N ILE A 267 11.65 5.62 12.96
CA ILE A 267 10.98 6.58 12.11
C ILE A 267 11.94 7.60 11.52
N ARG A 268 12.79 8.20 12.35
CA ARG A 268 13.65 9.30 11.89
C ARG A 268 14.72 8.77 10.93
N TRP A 269 15.02 7.48 11.08
CA TRP A 269 15.95 6.77 10.22
C TRP A 269 15.37 6.57 8.85
N CYS A 270 14.13 6.09 8.78
CA CYS A 270 13.42 5.96 7.49
C CYS A 270 13.26 7.29 6.82
N LEU A 271 13.10 8.35 7.62
CA LEU A 271 12.91 9.69 7.06
C LEU A 271 14.23 10.49 6.97
N ALA A 272 15.37 9.81 6.89
CA ALA A 272 16.62 10.55 6.64
C ALA A 272 16.48 11.34 5.36
N LEU A 273 16.89 12.60 5.41
CA LEU A 273 16.87 13.47 4.21
C LEU A 273 17.70 12.89 3.05
N ARG A 274 18.91 12.42 3.32
CA ARG A 274 19.72 11.81 2.26
C ARG A 274 19.26 10.36 2.04
N PRO A 275 18.89 10.03 0.79
CA PRO A 275 18.41 8.67 0.48
C PRO A 275 19.34 7.55 1.02
N SER A 276 20.65 7.72 0.82
CA SER A 276 21.62 6.72 1.25
C SER A 276 21.80 6.63 2.78
N ASP A 277 21.24 7.58 3.53
CA ASP A 277 21.18 7.46 5.00
C ASP A 277 19.96 6.67 5.51
N ARG A 278 19.09 6.22 4.59
CA ARG A 278 17.93 5.40 4.98
C ARG A 278 18.30 3.94 5.12
N PRO A 279 17.60 3.23 6.02
CA PRO A 279 17.86 1.80 6.20
C PRO A 279 17.37 1.00 5.02
N THR A 280 18.00 -0.15 4.78
CA THR A 280 17.48 -1.15 3.85
C THR A 280 16.33 -1.85 4.57
N PHE A 281 15.54 -2.66 3.85
CA PHE A 281 14.47 -3.46 4.48
C PHE A 281 15.00 -4.35 5.57
N GLU A 282 16.18 -4.92 5.31
CA GLU A 282 16.85 -5.77 6.26
C GLU A 282 17.15 -5.02 7.54
N GLU A 283 17.70 -3.82 7.40
CA GLU A 283 18.02 -3.01 8.58
C GLU A 283 16.79 -2.61 9.38
N ILE A 284 15.70 -2.28 8.68
CA ILE A 284 14.43 -2.01 9.32
C ILE A 284 13.98 -3.22 10.14
N GLN A 285 13.95 -4.39 9.50
CA GLN A 285 13.49 -5.60 10.17
C GLN A 285 14.40 -6.12 11.27
N ASN A 286 15.66 -5.70 11.28
CA ASN A 286 16.58 -6.04 12.35
C ASN A 286 16.65 -4.96 13.42
N HIS A 287 15.95 -3.84 13.20
CA HIS A 287 15.90 -2.79 14.19
C HIS A 287 15.33 -3.26 15.52
N PRO A 288 15.89 -2.82 16.65
CA PRO A 288 15.41 -3.24 17.98
C PRO A 288 13.90 -3.06 18.20
N TRP A 289 13.30 -2.03 17.61
CA TRP A 289 11.86 -1.83 17.71
C TRP A 289 11.07 -2.93 17.04
N MET A 290 11.67 -3.61 16.06
CA MET A 290 10.99 -4.66 15.29
C MET A 290 11.10 -6.06 15.91
N GLN A 291 11.60 -6.15 17.12
CA GLN A 291 11.80 -7.46 17.78
C GLN A 291 10.48 -7.97 18.36
N ASP A 292 10.29 -9.29 18.40
CA ASP A 292 9.12 -9.92 19.06
C ASP A 292 7.75 -9.55 18.45
N VAL A 293 7.66 -9.56 17.13
CA VAL A 293 6.41 -9.28 16.44
C VAL A 293 5.37 -10.37 16.75
N LEU A 294 4.11 -9.97 16.86
CA LEU A 294 3.01 -10.91 16.99
C LEU A 294 2.69 -11.52 15.64
N LEU A 295 2.18 -12.74 15.65
CA LEU A 295 1.64 -13.37 14.45
C LEU A 295 0.30 -12.70 14.11
N PRO A 296 -0.11 -12.78 12.82
CA PRO A 296 -1.37 -12.16 12.44
C PRO A 296 -2.55 -12.54 13.32
N GLN A 297 -2.78 -13.82 13.52
CA GLN A 297 -3.92 -14.26 14.33
C GLN A 297 -3.87 -13.84 15.76
N GLU A 298 -2.69 -13.90 16.34
CA GLU A 298 -2.48 -13.38 17.70
C GLU A 298 -2.91 -11.91 17.71
N THR A 299 -2.56 -11.19 16.65
CA THR A 299 -2.86 -9.78 16.51
C THR A 299 -4.38 -9.56 16.48
N ALA A 300 -5.08 -10.37 15.71
CA ALA A 300 -6.52 -10.23 15.57
C ALA A 300 -7.21 -10.54 16.91
N GLU A 301 -6.71 -11.56 17.60
CA GLU A 301 -7.29 -11.99 18.86
C GLU A 301 -7.11 -10.96 19.97
N ILE A 302 -5.91 -10.38 20.06
CA ILE A 302 -5.61 -9.38 21.08
C ILE A 302 -6.23 -8.02 20.77
N HIS A 303 -6.22 -7.61 19.50
CA HIS A 303 -6.54 -6.22 19.12
C HIS A 303 -7.73 -6.03 18.23
N LEU A 304 -8.16 -7.10 17.56
CA LEU A 304 -9.21 -6.94 16.56
C LEU A 304 -10.57 -7.59 16.88
N HIS A 305 -10.61 -8.57 17.76
CA HIS A 305 -11.84 -9.25 18.03
C HIS A 305 -12.54 -8.55 19.11
N SER A 306 -13.87 -8.50 19.02
CA SER A 306 -14.69 -8.02 20.11
C SER A 306 -15.47 -9.17 20.71
N LYS B 3 -7.28 17.99 12.06
CA LYS B 3 -7.94 17.16 11.00
C LYS B 3 -7.08 15.93 10.68
N ARG B 4 -7.70 14.91 10.10
CA ARG B 4 -7.08 13.61 9.87
C ARG B 4 -7.61 13.04 8.55
N ARG B 5 -6.94 13.36 7.43
CA ARG B 5 -7.64 13.39 6.14
C ARG B 5 -7.05 12.62 4.93
N ARG B 6 -7.92 12.27 3.97
CA ARG B 6 -7.55 11.49 2.79
C ARG B 6 -6.68 12.26 1.80
N HIS B 7 -5.92 11.52 0.98
CA HIS B 7 -5.20 12.10 -0.17
C HIS B 7 -5.46 11.30 -1.43
#